data_9FGX
#
_entry.id   9FGX
#
_cell.length_a   1.00
_cell.length_b   1.00
_cell.length_c   1.00
_cell.angle_alpha   90.00
_cell.angle_beta   90.00
_cell.angle_gamma   90.00
#
_symmetry.space_group_name_H-M   'P 1'
#
loop_
_entity.id
_entity.type
_entity.pdbx_description
1 polymer 'anti-Lysozyme Gluebody'
2 polymer 'Lysozyme C'
3 non-polymer GLYCEROL
#
loop_
_entity_poly.entity_id
_entity_poly.type
_entity_poly.pdbx_seq_one_letter_code
_entity_poly.pdbx_strand_id
1 'polypeptide(L)'
;SDVQLVENGGGCVKAGGSLRLSCAASGSTDSIEYMTWFRQAPGKAREGVAALYTHTGNTYYTDSVKGRFTISQDKAKNMA
YLRMDSVKSEDTAIYTCGATRKAVPVRFALDQSSYDYWGQGTQVMVSS
;
C,E
2 'polypeptide(L)'
;KVFGRCELAAAMKRHGLDNYRGYSLGNWVCAAKFESNFNTQATNRNTDGSTDYGILQINSRWWCNDGRTPGSRNLCNIPC
SALLSSDITASVNCAKKIVSDGNGMNAWVAWRNRCKGTDVQAWIRGCRL
;
D,F
#
loop_
_chem_comp.id
_chem_comp.type
_chem_comp.name
_chem_comp.formula
GOL non-polymer GLYCEROL 'C3 H8 O3'
#
# COMPACT_ATOMS: atom_id res chain seq x y z
N ASP A 2 -25.14 9.48 0.03
CA ASP A 2 -23.90 10.31 0.09
C ASP A 2 -23.47 10.52 1.54
N VAL A 3 -22.58 9.67 2.03
CA VAL A 3 -22.08 9.74 3.40
C VAL A 3 -20.55 9.69 3.35
N GLN A 4 -19.91 10.62 4.05
CA GLN A 4 -18.46 10.67 4.15
C GLN A 4 -18.06 10.29 5.57
N LEU A 5 -17.07 9.42 5.69
CA LEU A 5 -16.71 8.79 6.95
C LEU A 5 -15.42 9.41 7.48
N VAL A 6 -15.42 9.83 8.73
CA VAL A 6 -14.27 10.43 9.39
C VAL A 6 -13.96 9.62 10.64
N GLU A 7 -12.68 9.27 10.81
CA GLU A 7 -12.22 8.47 11.94
C GLU A 7 -11.65 9.36 13.03
N ASN A 8 -11.61 8.84 14.24
CA ASN A 8 -11.10 9.56 15.41
C ASN A 8 -10.48 8.56 16.37
N GLY A 9 -9.61 9.06 17.24
CA GLY A 9 -8.94 8.20 18.19
C GLY A 9 -7.73 7.51 17.59
N GLY A 10 -7.43 6.33 18.13
CA GLY A 10 -6.29 5.58 17.66
C GLY A 10 -5.02 5.93 18.43
N GLY A 11 -3.90 5.83 17.73
CA GLY A 11 -2.65 6.28 18.28
C GLY A 11 -2.01 5.25 19.18
N CYS A 12 -1.04 5.73 19.95
CA CYS A 12 -0.19 4.84 20.73
C CYS A 12 -0.93 4.33 21.96
N VAL A 13 -0.84 3.02 22.20
CA VAL A 13 -1.50 2.36 23.33
C VAL A 13 -0.64 1.19 23.78
N LYS A 14 -0.52 1.01 25.09
CA LYS A 14 0.23 -0.09 25.68
C LYS A 14 -0.46 -1.43 25.44
N ALA A 15 0.31 -2.52 25.39
CA ALA A 15 -0.27 -3.85 25.23
C ALA A 15 -1.22 -4.16 26.37
N GLY A 16 -2.41 -4.65 26.03
CA GLY A 16 -3.43 -4.91 27.01
C GLY A 16 -4.24 -3.71 27.43
N GLY A 17 -3.93 -2.53 26.90
CA GLY A 17 -4.65 -1.33 27.26
C GLY A 17 -5.99 -1.22 26.54
N SER A 18 -6.73 -0.18 26.91
CA SER A 18 -8.04 0.10 26.35
C SER A 18 -7.95 1.27 25.38
N LEU A 19 -8.44 1.05 24.15
CA LEU A 19 -8.46 2.08 23.12
C LEU A 19 -9.86 2.18 22.55
N ARG A 20 -10.33 3.40 22.36
CA ARG A 20 -11.67 3.68 21.85
C ARG A 20 -11.55 4.39 20.50
N LEU A 21 -11.68 3.62 19.42
CA LEU A 21 -11.73 4.18 18.08
C LEU A 21 -13.16 4.65 17.81
N SER A 22 -13.29 5.89 17.36
CA SER A 22 -14.60 6.50 17.12
C SER A 22 -14.71 6.92 15.66
N CYS A 23 -15.89 6.71 15.09
CA CYS A 23 -16.16 7.02 13.69
C CYS A 23 -17.48 7.77 13.60
N ALA A 24 -17.60 8.60 12.57
CA ALA A 24 -18.77 9.46 12.42
C ALA A 24 -19.23 9.46 10.97
N ALA A 25 -20.50 9.77 10.77
CA ALA A 25 -21.13 9.86 9.46
C ALA A 25 -21.88 11.17 9.34
N SER A 26 -21.86 11.75 8.13
CA SER A 26 -22.53 13.01 7.85
C SER A 26 -23.14 12.94 6.46
N GLY A 27 -23.92 13.95 6.12
CA GLY A 27 -24.61 13.98 4.83
C GLY A 27 -25.89 13.18 4.85
N SER A 28 -26.13 12.40 3.80
CA SER A 28 -27.33 11.56 3.70
C SER A 28 -27.10 10.28 4.52
N THR A 29 -26.99 10.46 5.83
CA THR A 29 -26.71 9.36 6.73
C THR A 29 -27.92 8.43 6.93
N ASP A 30 -29.10 8.81 6.44
CA ASP A 30 -30.25 7.93 6.55
C ASP A 30 -30.02 6.63 5.80
N SER A 31 -29.38 6.70 4.63
CA SER A 31 -29.10 5.51 3.83
C SER A 31 -28.04 4.61 4.46
N ILE A 32 -27.36 5.06 5.51
CA ILE A 32 -26.32 4.25 6.14
C ILE A 32 -26.93 2.93 6.61
N GLU A 33 -26.29 1.83 6.21
CA GLU A 33 -26.73 0.49 6.60
C GLU A 33 -25.71 -0.21 7.47
N TYR A 34 -24.47 -0.35 7.01
CA TYR A 34 -23.44 -1.10 7.71
C TYR A 34 -22.26 -0.19 8.04
N MET A 35 -21.68 -0.41 9.22
CA MET A 35 -20.45 0.26 9.62
C MET A 35 -19.46 -0.83 10.05
N THR A 36 -18.28 -0.85 9.42
CA THR A 36 -17.30 -1.87 9.69
C THR A 36 -15.91 -1.24 9.74
N TRP A 37 -15.02 -1.88 10.49
CA TRP A 37 -13.64 -1.44 10.63
C TRP A 37 -12.76 -2.41 9.85
N PHE A 38 -11.96 -1.88 8.93
CA PHE A 38 -11.01 -2.66 8.15
C PHE A 38 -9.59 -2.24 8.51
N ARG A 39 -8.76 -3.22 8.86
CA ARG A 39 -7.39 -2.97 9.29
C ARG A 39 -6.45 -3.23 8.11
N GLN A 40 -5.72 -2.20 7.70
CA GLN A 40 -4.75 -2.31 6.61
C GLN A 40 -3.36 -2.44 7.22
N ALA A 41 -3.07 -3.64 7.72
CA ALA A 41 -1.77 -3.89 8.32
C ALA A 41 -0.67 -3.82 7.25
N PRO A 42 0.54 -3.42 7.63
CA PRO A 42 1.63 -3.36 6.65
C PRO A 42 1.88 -4.73 6.02
N GLY A 43 2.12 -4.73 4.72
CA GLY A 43 2.35 -5.97 4.00
C GLY A 43 1.18 -6.92 3.97
N LYS A 44 -0.02 -6.46 4.33
CA LYS A 44 -1.21 -7.30 4.36
C LYS A 44 -2.36 -6.53 3.73
N ALA A 45 -3.18 -7.24 2.96
CA ALA A 45 -4.32 -6.61 2.31
C ALA A 45 -5.39 -6.25 3.32
N ARG A 46 -6.25 -5.29 2.94
CA ARG A 46 -7.31 -4.84 3.82
C ARG A 46 -8.26 -5.99 4.14
N GLU A 47 -8.68 -6.07 5.40
CA GLU A 47 -9.56 -7.13 5.86
C GLU A 47 -10.51 -6.57 6.91
N GLY A 48 -11.75 -7.05 6.90
CA GLY A 48 -12.72 -6.60 7.89
C GLY A 48 -12.35 -7.05 9.29
N VAL A 49 -12.85 -6.31 10.27
CA VAL A 49 -12.54 -6.58 11.67
C VAL A 49 -13.81 -6.86 12.45
N ALA A 50 -14.72 -5.87 12.48
CA ALA A 50 -15.94 -5.97 13.28
C ALA A 50 -17.08 -5.29 12.51
N ALA A 51 -17.88 -6.11 11.81
CA ALA A 51 -19.03 -5.59 11.09
C ALA A 51 -20.15 -5.25 12.07
N LEU A 52 -20.97 -4.27 11.69
CA LEU A 52 -22.06 -3.82 12.53
C LEU A 52 -23.21 -3.36 11.65
N TYR A 53 -24.42 -3.48 12.18
CA TYR A 53 -25.63 -3.01 11.52
C TYR A 53 -26.21 -1.86 12.32
N THR A 54 -26.54 -0.76 11.63
CA THR A 54 -26.94 0.46 12.33
C THR A 54 -28.24 0.27 13.10
N HIS A 55 -29.21 -0.44 12.52
CA HIS A 55 -30.54 -0.52 13.09
C HIS A 55 -30.68 -1.69 14.07
N THR A 56 -30.47 -2.92 13.59
CA THR A 56 -30.62 -4.08 14.46
C THR A 56 -29.58 -4.06 15.58
N GLY A 57 -28.35 -3.64 15.26
CA GLY A 57 -27.28 -3.64 16.22
C GLY A 57 -26.49 -4.92 16.30
N ASN A 58 -26.81 -5.91 15.48
CA ASN A 58 -26.06 -7.17 15.48
C ASN A 58 -24.60 -6.90 15.19
N THR A 59 -23.72 -7.49 15.99
CA THR A 59 -22.28 -7.27 15.90
C THR A 59 -21.60 -8.55 15.44
N TYR A 60 -20.81 -8.45 14.38
CA TYR A 60 -20.10 -9.57 13.79
C TYR A 60 -18.61 -9.27 13.80
N TYR A 61 -17.81 -10.21 14.27
CA TYR A 61 -16.38 -10.00 14.46
C TYR A 61 -15.59 -11.11 13.78
N THR A 62 -14.38 -10.76 13.36
CA THR A 62 -13.47 -11.75 12.80
C THR A 62 -12.91 -12.64 13.92
N ASP A 63 -12.48 -13.84 13.53
CA ASP A 63 -11.98 -14.79 14.52
C ASP A 63 -10.81 -14.21 15.32
N SER A 64 -9.98 -13.39 14.68
CA SER A 64 -8.82 -12.82 15.37
C SER A 64 -9.26 -11.92 16.51
N VAL A 65 -10.30 -11.11 16.29
CA VAL A 65 -10.76 -10.13 17.28
C VAL A 65 -11.99 -10.63 18.02
N LYS A 66 -12.25 -11.94 18.00
CA LYS A 66 -13.41 -12.48 18.69
C LYS A 66 -13.23 -12.40 20.20
N GLY A 67 -14.22 -11.84 20.89
CA GLY A 67 -14.19 -11.74 22.33
C GLY A 67 -13.29 -10.64 22.89
N ARG A 68 -12.69 -9.82 22.02
CA ARG A 68 -11.79 -8.76 22.45
C ARG A 68 -12.29 -7.38 22.09
N PHE A 69 -12.68 -7.16 20.84
CA PHE A 69 -13.18 -5.87 20.38
C PHE A 69 -14.70 -5.86 20.44
N THR A 70 -15.26 -4.71 20.83
CA THR A 70 -16.71 -4.52 20.90
C THR A 70 -17.07 -3.28 20.09
N ILE A 71 -18.07 -3.42 19.22
CA ILE A 71 -18.50 -2.34 18.33
C ILE A 71 -19.92 -1.95 18.68
N SER A 72 -20.16 -0.65 18.84
CA SER A 72 -21.48 -0.14 19.12
C SER A 72 -21.63 1.23 18.47
N GLN A 73 -22.88 1.63 18.26
CA GLN A 73 -23.18 2.88 17.58
C GLN A 73 -24.39 3.54 18.26
N ASP A 74 -24.64 4.79 17.87
CA ASP A 74 -25.79 5.55 18.34
C ASP A 74 -26.59 6.02 17.14
N LYS A 75 -27.90 5.80 17.18
CA LYS A 75 -28.75 6.15 16.04
C LYS A 75 -28.90 7.66 15.87
N ALA A 76 -29.00 8.39 16.98
CA ALA A 76 -29.15 9.83 16.92
C ALA A 76 -27.85 10.54 16.59
N LYS A 77 -26.71 10.00 17.00
CA LYS A 77 -25.41 10.62 16.79
C LYS A 77 -24.64 9.98 15.63
N ASN A 78 -25.28 9.08 14.88
CA ASN A 78 -24.72 8.45 13.67
C ASN A 78 -23.23 8.19 13.83
N MET A 79 -22.82 7.72 15.00
CA MET A 79 -21.43 7.45 15.31
C MET A 79 -21.29 6.02 15.81
N ALA A 80 -20.26 5.33 15.33
CA ALA A 80 -19.96 3.97 15.74
C ALA A 80 -18.50 3.91 16.20
N TYR A 81 -18.29 3.43 17.42
CA TYR A 81 -16.96 3.34 18.00
C TYR A 81 -16.64 1.90 18.35
N LEU A 82 -15.38 1.52 18.16
CA LEU A 82 -14.90 0.15 18.38
C LEU A 82 -13.91 0.17 19.53
N ARG A 83 -14.32 -0.39 20.66
CA ARG A 83 -13.41 -0.52 21.80
C ARG A 83 -12.42 -1.65 21.56
N MET A 84 -11.19 -1.43 22.01
CA MET A 84 -10.11 -2.40 21.84
C MET A 84 -9.54 -2.79 23.19
N ASP A 85 -9.31 -4.10 23.36
CA ASP A 85 -8.75 -4.62 24.61
C ASP A 85 -7.87 -5.81 24.28
N SER A 86 -6.92 -6.09 25.17
CA SER A 86 -5.97 -7.18 24.99
C SER A 86 -5.25 -7.05 23.65
N VAL A 87 -4.87 -5.82 23.31
CA VAL A 87 -4.20 -5.58 22.03
C VAL A 87 -2.83 -6.23 22.03
N LYS A 88 -2.39 -6.65 20.85
CA LYS A 88 -1.10 -7.29 20.66
C LYS A 88 -0.39 -6.63 19.47
N SER A 89 0.79 -7.16 19.15
CA SER A 89 1.55 -6.61 18.01
C SER A 89 0.79 -6.81 16.71
N GLU A 90 0.14 -7.96 16.53
CA GLU A 90 -0.58 -8.22 15.29
C GLU A 90 -1.69 -7.21 15.05
N ASP A 91 -2.28 -6.67 16.11
CA ASP A 91 -3.34 -5.68 15.96
C ASP A 91 -2.82 -4.39 15.32
N THR A 92 -1.51 -4.16 15.35
CA THR A 92 -0.94 -2.94 14.79
C THR A 92 -1.26 -2.82 13.31
N ALA A 93 -2.05 -1.82 12.95
CA ALA A 93 -2.46 -1.62 11.56
C ALA A 93 -3.20 -0.29 11.48
N ILE A 94 -3.56 0.10 10.26
CA ILE A 94 -4.35 1.30 10.01
C ILE A 94 -5.79 0.85 9.81
N TYR A 95 -6.69 1.35 10.65
CA TYR A 95 -8.10 0.95 10.63
C TYR A 95 -8.89 1.96 9.81
N THR A 96 -9.70 1.46 8.89
CA THR A 96 -10.52 2.29 8.01
C THR A 96 -11.99 2.03 8.31
N CYS A 97 -12.75 3.10 8.54
CA CYS A 97 -14.16 3.01 8.90
C CYS A 97 -14.99 2.94 7.62
N GLY A 98 -15.16 1.72 7.12
CA GLY A 98 -15.99 1.53 5.94
C GLY A 98 -17.47 1.63 6.26
N ALA A 99 -18.25 1.83 5.20
CA ALA A 99 -19.70 1.96 5.34
C ALA A 99 -20.35 1.60 4.02
N THR A 100 -21.67 1.37 4.08
CA THR A 100 -22.43 0.98 2.91
C THR A 100 -23.78 1.68 2.95
N ARG A 101 -24.31 1.98 1.76
CA ARG A 101 -25.64 2.57 1.61
C ARG A 101 -26.71 1.54 1.31
N LYS A 102 -26.39 0.25 1.46
CA LYS A 102 -27.28 -0.82 1.04
C LYS A 102 -27.15 -2.00 1.99
N ALA A 103 -28.14 -2.87 1.97
CA ALA A 103 -28.22 -4.01 2.89
C ALA A 103 -27.40 -5.16 2.32
N VAL A 104 -26.14 -5.24 2.72
CA VAL A 104 -25.23 -6.30 2.28
C VAL A 104 -25.59 -7.59 3.00
N PRO A 105 -25.36 -8.76 2.41
CA PRO A 105 -25.60 -10.01 3.14
C PRO A 105 -24.64 -10.18 4.30
N VAL A 106 -25.03 -11.05 5.23
CA VAL A 106 -24.22 -11.28 6.42
C VAL A 106 -22.85 -11.83 6.03
N ARG A 107 -22.82 -12.80 5.11
CA ARG A 107 -21.55 -13.42 4.76
C ARG A 107 -20.57 -12.43 4.15
N PHE A 108 -21.07 -11.38 3.50
CA PHE A 108 -20.23 -10.37 2.89
C PHE A 108 -20.12 -9.11 3.76
N ALA A 109 -20.59 -9.16 5.00
CA ALA A 109 -20.54 -7.99 5.87
C ALA A 109 -19.11 -7.55 6.13
N LEU A 110 -18.16 -8.49 6.11
CA LEU A 110 -16.75 -8.18 6.34
C LEU A 110 -15.97 -7.99 5.04
N ASP A 111 -16.63 -8.04 3.89
CA ASP A 111 -15.97 -7.90 2.60
C ASP A 111 -15.99 -6.45 2.16
N GLN A 112 -14.82 -5.89 1.87
CA GLN A 112 -14.72 -4.49 1.50
C GLN A 112 -15.42 -4.21 0.18
N SER A 113 -15.31 -5.14 -0.78
CA SER A 113 -15.86 -4.90 -2.11
C SER A 113 -17.34 -4.56 -2.05
N SER A 114 -18.08 -5.21 -1.15
CA SER A 114 -19.51 -4.92 -1.02
C SER A 114 -19.75 -3.48 -0.60
N TYR A 115 -18.89 -2.95 0.27
CA TYR A 115 -19.08 -1.62 0.81
C TYR A 115 -18.83 -0.56 -0.26
N ASP A 116 -19.40 0.63 -0.05
CA ASP A 116 -19.31 1.71 -1.00
C ASP A 116 -18.67 2.98 -0.45
N TYR A 117 -18.57 3.12 0.87
CA TYR A 117 -18.05 4.33 1.49
C TYR A 117 -16.85 3.99 2.38
N TRP A 118 -15.83 4.83 2.31
CA TRP A 118 -14.63 4.67 3.13
C TRP A 118 -14.24 6.01 3.71
N GLY A 119 -13.50 5.96 4.82
CA GLY A 119 -13.01 7.16 5.47
C GLY A 119 -11.49 7.23 5.45
N GLN A 120 -10.94 8.23 6.14
CA GLN A 120 -9.49 8.41 6.19
C GLN A 120 -8.88 7.45 7.19
N GLY A 121 -7.89 6.67 6.75
CA GLY A 121 -7.26 5.68 7.61
C GLY A 121 -6.69 6.29 8.87
N THR A 122 -7.01 5.69 10.02
CA THR A 122 -6.51 6.15 11.31
C THR A 122 -5.46 5.17 11.82
N GLN A 123 -4.37 5.72 12.34
CA GLN A 123 -3.25 4.90 12.78
C GLN A 123 -3.52 4.33 14.17
N VAL A 124 -3.15 3.07 14.36
CA VAL A 124 -3.28 2.38 15.64
C VAL A 124 -1.94 1.73 15.95
N MET A 125 -1.41 2.00 17.14
CA MET A 125 -0.10 1.51 17.55
C MET A 125 -0.21 0.72 18.85
N VAL A 126 0.56 -0.36 18.95
CA VAL A 126 0.66 -1.16 20.16
C VAL A 126 2.13 -1.24 20.55
N SER A 127 2.43 -0.92 21.80
CA SER A 127 3.80 -0.94 22.29
C SER A 127 4.18 -2.34 22.76
N VAL B 2 -52.47 -4.45 -11.49
CA VAL B 2 -52.16 -4.20 -10.09
C VAL B 2 -52.77 -5.29 -9.22
N PHE B 3 -51.93 -5.94 -8.42
CA PHE B 3 -52.42 -6.96 -7.49
C PHE B 3 -53.35 -6.35 -6.46
N GLY B 4 -54.37 -7.10 -6.06
CA GLY B 4 -55.22 -6.67 -4.98
C GLY B 4 -54.56 -6.87 -3.63
N ARG B 5 -55.01 -6.07 -2.65
CA ARG B 5 -54.43 -6.16 -1.31
C ARG B 5 -54.84 -7.44 -0.61
N CYS B 6 -56.15 -7.66 -0.45
CA CYS B 6 -56.62 -8.83 0.25
C CYS B 6 -56.27 -10.11 -0.50
N GLU B 7 -56.38 -10.08 -1.84
CA GLU B 7 -56.03 -11.27 -2.62
C GLU B 7 -54.54 -11.57 -2.50
N LEU B 8 -53.70 -10.54 -2.50
CA LEU B 8 -52.27 -10.78 -2.30
C LEU B 8 -52.00 -11.36 -0.92
N ALA B 9 -52.69 -10.84 0.10
CA ALA B 9 -52.51 -11.39 1.44
C ALA B 9 -52.91 -12.86 1.48
N ALA B 10 -54.03 -13.20 0.84
CA ALA B 10 -54.47 -14.59 0.82
C ALA B 10 -53.47 -15.48 0.09
N ALA B 11 -52.95 -15.01 -1.05
CA ALA B 11 -51.96 -15.80 -1.78
C ALA B 11 -50.69 -15.99 -0.96
N MET B 12 -50.24 -14.94 -0.28
CA MET B 12 -49.06 -15.05 0.55
C MET B 12 -49.29 -16.03 1.69
N LYS B 13 -50.47 -15.99 2.31
CA LYS B 13 -50.79 -16.95 3.37
C LYS B 13 -50.78 -18.36 2.83
N ARG B 14 -51.31 -18.56 1.61
CA ARG B 14 -51.26 -19.88 0.98
C ARG B 14 -49.83 -20.34 0.78
N HIS B 15 -48.95 -19.44 0.32
CA HIS B 15 -47.60 -19.85 -0.04
C HIS B 15 -46.81 -20.34 1.17
N GLY B 16 -47.24 -20.01 2.38
CA GLY B 16 -46.54 -20.42 3.59
C GLY B 16 -45.71 -19.34 4.24
N LEU B 17 -45.74 -18.11 3.70
CA LEU B 17 -45.01 -17.01 4.32
C LEU B 17 -45.65 -16.55 5.63
N ASP B 18 -46.84 -17.05 5.95
CA ASP B 18 -47.49 -16.65 7.20
C ASP B 18 -46.62 -17.01 8.39
N ASN B 19 -46.50 -16.07 9.33
CA ASN B 19 -45.72 -16.27 10.54
C ASN B 19 -44.30 -16.73 10.21
N TYR B 20 -43.69 -16.07 9.22
CA TYR B 20 -42.31 -16.34 8.83
C TYR B 20 -41.40 -15.33 9.52
N ARG B 21 -40.41 -15.84 10.25
CA ARG B 21 -39.52 -15.00 11.05
C ARG B 21 -40.29 -14.16 12.05
N GLY B 22 -41.40 -14.71 12.55
CA GLY B 22 -42.20 -14.01 13.55
C GLY B 22 -42.76 -12.69 13.06
N TYR B 23 -43.24 -12.64 11.83
CA TYR B 23 -43.81 -11.44 11.24
C TYR B 23 -45.21 -11.74 10.74
N SER B 24 -46.17 -10.88 11.09
CA SER B 24 -47.54 -11.05 10.64
C SER B 24 -47.67 -10.64 9.17
N LEU B 25 -48.75 -11.11 8.54
CA LEU B 25 -48.96 -10.83 7.12
C LEU B 25 -49.04 -9.34 6.85
N GLY B 26 -49.47 -8.56 7.84
CA GLY B 26 -49.57 -7.12 7.64
C GLY B 26 -48.23 -6.49 7.32
N ASN B 27 -47.17 -6.93 8.00
CA ASN B 27 -45.84 -6.41 7.71
C ASN B 27 -45.46 -6.63 6.26
N TRP B 28 -45.66 -7.86 5.77
CA TRP B 28 -45.29 -8.19 4.39
C TRP B 28 -46.14 -7.42 3.39
N VAL B 29 -47.45 -7.32 3.64
CA VAL B 29 -48.33 -6.61 2.71
C VAL B 29 -47.93 -5.14 2.64
N CYS B 30 -47.70 -4.52 3.80
CA CYS B 30 -47.22 -3.15 3.87
C CYS B 30 -45.91 -2.98 3.11
N ALA B 31 -44.97 -3.89 3.32
CA ALA B 31 -43.66 -3.79 2.68
C ALA B 31 -43.79 -3.86 1.17
N ALA B 32 -44.59 -4.81 0.67
CA ALA B 32 -44.77 -4.92 -0.77
C ALA B 32 -45.44 -3.68 -1.34
N LYS B 33 -46.46 -3.17 -0.65
CA LYS B 33 -47.17 -1.99 -1.14
C LYS B 33 -46.24 -0.79 -1.23
N PHE B 34 -45.40 -0.59 -0.22
CA PHE B 34 -44.48 0.54 -0.24
C PHE B 34 -43.23 0.28 -1.08
N GLU B 35 -43.01 -0.97 -1.50
CA GLU B 35 -41.87 -1.29 -2.35
C GLU B 35 -42.19 -1.12 -3.83
N SER B 36 -43.24 -1.78 -4.31
CA SER B 36 -43.55 -1.77 -5.74
C SER B 36 -44.97 -1.28 -6.05
N ASN B 37 -45.67 -0.68 -5.08
CA ASN B 37 -47.04 -0.24 -5.29
C ASN B 37 -47.90 -1.38 -5.83
N PHE B 38 -47.60 -2.59 -5.36
CA PHE B 38 -48.33 -3.81 -5.75
C PHE B 38 -48.15 -4.06 -7.25
N ASN B 39 -46.90 -4.04 -7.71
CA ASN B 39 -46.56 -4.31 -9.10
C ASN B 39 -45.35 -5.24 -9.14
N THR B 40 -45.56 -6.46 -9.62
CA THR B 40 -44.46 -7.39 -9.79
C THR B 40 -43.59 -7.06 -10.99
N GLN B 41 -44.12 -6.31 -11.95
CA GLN B 41 -43.38 -5.93 -13.15
C GLN B 41 -42.52 -4.69 -12.94
N ALA B 42 -42.66 -3.99 -11.81
CA ALA B 42 -41.94 -2.75 -11.57
C ALA B 42 -40.47 -3.03 -11.31
N THR B 43 -39.61 -2.19 -11.87
CA THR B 43 -38.17 -2.27 -11.67
C THR B 43 -37.62 -0.88 -11.41
N ASN B 44 -36.57 -0.81 -10.59
CA ASN B 44 -35.92 0.45 -10.25
C ASN B 44 -34.41 0.27 -10.36
N ARG B 45 -33.76 1.23 -11.03
CA ARG B 45 -32.32 1.20 -11.18
C ARG B 45 -31.64 1.66 -9.89
N ASN B 46 -30.33 1.42 -9.82
CA ASN B 46 -29.51 1.85 -8.70
C ASN B 46 -28.22 2.46 -9.21
N THR B 47 -27.61 3.31 -8.38
CA THR B 47 -26.38 3.97 -8.78
C THR B 47 -25.28 2.96 -9.07
N ASP B 48 -25.21 1.89 -8.29
CA ASP B 48 -24.20 0.85 -8.50
C ASP B 48 -24.45 0.03 -9.75
N GLY B 49 -25.60 0.19 -10.40
CA GLY B 49 -25.94 -0.57 -11.58
C GLY B 49 -26.92 -1.71 -11.33
N SER B 50 -27.18 -2.05 -10.07
CA SER B 50 -28.14 -3.10 -9.77
C SER B 50 -29.57 -2.62 -10.01
N THR B 51 -30.45 -3.57 -10.32
CA THR B 51 -31.85 -3.29 -10.58
C THR B 51 -32.72 -4.15 -9.67
N ASP B 52 -33.69 -3.52 -9.01
CA ASP B 52 -34.63 -4.24 -8.17
C ASP B 52 -35.66 -4.97 -9.03
N TYR B 53 -36.09 -6.13 -8.56
CA TYR B 53 -37.02 -6.97 -9.31
C TYR B 53 -38.06 -7.55 -8.36
N GLY B 54 -39.22 -7.89 -8.92
CA GLY B 54 -40.28 -8.50 -8.15
C GLY B 54 -41.16 -7.48 -7.45
N ILE B 55 -42.24 -7.99 -6.85
CA ILE B 55 -43.17 -7.14 -6.13
C ILE B 55 -42.51 -6.54 -4.89
N LEU B 56 -41.62 -7.29 -4.24
CA LEU B 56 -40.90 -6.82 -3.07
C LEU B 56 -39.61 -6.10 -3.42
N GLN B 57 -39.32 -5.90 -4.70
CA GLN B 57 -38.15 -5.15 -5.15
C GLN B 57 -36.86 -5.81 -4.64
N ILE B 58 -36.64 -7.05 -5.06
CA ILE B 58 -35.45 -7.80 -4.69
C ILE B 58 -34.29 -7.33 -5.55
N ASN B 59 -33.15 -7.07 -4.90
CA ASN B 59 -31.99 -6.54 -5.60
C ASN B 59 -31.23 -7.65 -6.32
N SER B 60 -30.80 -7.35 -7.54
CA SER B 60 -30.11 -8.35 -8.37
C SER B 60 -28.66 -8.56 -7.95
N ARG B 61 -28.03 -7.55 -7.35
CA ARG B 61 -26.60 -7.65 -7.04
C ARG B 61 -26.30 -8.79 -6.08
N TRP B 62 -27.29 -9.22 -5.30
CA TRP B 62 -27.09 -10.26 -4.29
C TRP B 62 -28.07 -11.41 -4.38
N TRP B 63 -29.21 -11.24 -5.05
CA TRP B 63 -30.28 -12.22 -4.99
C TRP B 63 -30.55 -12.87 -6.34
N CYS B 64 -30.81 -12.10 -7.39
CA CYS B 64 -31.13 -12.66 -8.71
C CYS B 64 -30.05 -12.23 -9.71
N ASN B 65 -29.66 -13.16 -10.57
CA ASN B 65 -28.59 -12.94 -11.54
C ASN B 65 -29.20 -12.44 -12.84
N ASP B 66 -29.23 -11.13 -13.02
CA ASP B 66 -29.68 -10.55 -14.28
C ASP B 66 -28.63 -10.70 -15.38
N GLY B 67 -27.35 -10.76 -15.01
CA GLY B 67 -26.28 -10.74 -15.98
C GLY B 67 -25.86 -9.37 -16.43
N ARG B 68 -26.52 -8.32 -15.93
CA ARG B 68 -26.19 -6.94 -16.27
C ARG B 68 -25.59 -6.16 -15.12
N THR B 69 -25.66 -6.69 -13.89
CA THR B 69 -25.18 -6.00 -12.70
C THR B 69 -23.84 -6.58 -12.27
N PRO B 70 -22.84 -5.75 -11.99
CA PRO B 70 -21.55 -6.28 -11.56
C PRO B 70 -21.63 -6.93 -10.18
N GLY B 71 -20.77 -7.92 -9.98
CA GLY B 71 -20.66 -8.58 -8.68
C GLY B 71 -21.96 -9.20 -8.21
N SER B 72 -22.63 -9.93 -9.09
CA SER B 72 -23.91 -10.55 -8.76
C SER B 72 -23.66 -11.79 -7.92
N ARG B 73 -24.00 -11.72 -6.62
CA ARG B 73 -23.84 -12.88 -5.75
C ARG B 73 -24.95 -13.91 -5.99
N ASN B 74 -26.12 -13.47 -6.42
CA ASN B 74 -27.24 -14.35 -6.75
C ASN B 74 -27.46 -15.41 -5.66
N LEU B 75 -27.59 -14.94 -4.42
CA LEU B 75 -27.77 -15.85 -3.30
C LEU B 75 -29.03 -16.69 -3.45
N CYS B 76 -30.13 -16.04 -3.84
CA CYS B 76 -31.35 -16.81 -4.12
C CYS B 76 -31.16 -17.76 -5.29
N ASN B 77 -30.23 -17.42 -6.20
CA ASN B 77 -29.95 -18.22 -7.39
C ASN B 77 -31.14 -18.30 -8.34
N ILE B 78 -32.13 -17.44 -8.16
CA ILE B 78 -33.35 -17.43 -8.98
C ILE B 78 -33.19 -16.34 -10.03
N PRO B 79 -33.46 -16.62 -11.31
CA PRO B 79 -33.31 -15.59 -12.33
C PRO B 79 -34.24 -14.41 -12.08
N CYS B 80 -33.76 -13.21 -12.41
CA CYS B 80 -34.57 -12.02 -12.21
C CYS B 80 -35.87 -12.08 -13.00
N SER B 81 -35.86 -12.81 -14.13
CA SER B 81 -37.07 -12.95 -14.92
C SER B 81 -38.16 -13.66 -14.12
N ALA B 82 -37.78 -14.65 -13.32
CA ALA B 82 -38.76 -15.35 -12.50
C ALA B 82 -39.44 -14.39 -11.53
N LEU B 83 -38.67 -13.50 -10.90
CA LEU B 83 -39.28 -12.46 -10.07
C LEU B 83 -40.16 -11.54 -10.91
N LEU B 84 -39.73 -11.21 -12.13
CA LEU B 84 -40.53 -10.36 -13.01
C LEU B 84 -41.78 -11.07 -13.52
N SER B 85 -41.91 -12.37 -13.31
CA SER B 85 -43.06 -13.10 -13.81
C SER B 85 -44.35 -12.53 -13.23
N SER B 86 -45.46 -12.82 -13.92
CA SER B 86 -46.77 -12.34 -13.48
C SER B 86 -47.21 -12.91 -12.15
N ASP B 87 -46.57 -13.98 -11.69
CA ASP B 87 -46.89 -14.60 -10.40
C ASP B 87 -45.94 -14.08 -9.32
N ILE B 88 -46.41 -14.17 -8.07
CA ILE B 88 -45.65 -13.67 -6.93
C ILE B 88 -44.87 -14.77 -6.22
N THR B 89 -44.90 -15.99 -6.73
CA THR B 89 -44.24 -17.10 -6.04
C THR B 89 -42.73 -16.86 -5.89
N ALA B 90 -42.09 -16.44 -6.98
CA ALA B 90 -40.64 -16.23 -6.94
C ALA B 90 -40.27 -15.13 -5.96
N SER B 91 -41.05 -14.04 -5.95
CA SER B 91 -40.75 -12.93 -5.05
C SER B 91 -40.77 -13.39 -3.60
N VAL B 92 -41.82 -14.11 -3.21
CA VAL B 92 -41.91 -14.58 -1.82
C VAL B 92 -40.84 -15.61 -1.52
N ASN B 93 -40.53 -16.47 -2.49
CA ASN B 93 -39.49 -17.48 -2.27
C ASN B 93 -38.15 -16.83 -1.98
N CYS B 94 -37.80 -15.78 -2.73
CA CYS B 94 -36.52 -15.10 -2.47
C CYS B 94 -36.60 -14.23 -1.22
N ALA B 95 -37.77 -13.64 -0.94
CA ALA B 95 -37.91 -12.84 0.27
C ALA B 95 -37.76 -13.70 1.52
N LYS B 96 -38.15 -14.98 1.44
CA LYS B 96 -37.93 -15.86 2.58
C LYS B 96 -36.45 -15.99 2.91
N LYS B 97 -35.61 -16.18 1.88
CA LYS B 97 -34.17 -16.23 2.10
C LYS B 97 -33.65 -14.88 2.59
N ILE B 98 -34.16 -13.79 2.03
CA ILE B 98 -33.70 -12.47 2.44
C ILE B 98 -33.95 -12.25 3.92
N VAL B 99 -35.19 -12.51 4.36
CA VAL B 99 -35.52 -12.31 5.78
C VAL B 99 -34.77 -13.30 6.65
N SER B 100 -34.57 -14.52 6.17
CA SER B 100 -33.83 -15.53 6.92
C SER B 100 -32.33 -15.25 6.97
N ASP B 101 -31.85 -14.25 6.24
CA ASP B 101 -30.42 -13.95 6.26
C ASP B 101 -29.91 -13.70 7.68
N GLY B 102 -30.76 -13.17 8.55
CA GLY B 102 -30.37 -12.94 9.94
C GLY B 102 -30.84 -11.61 10.48
N ASN B 103 -30.97 -10.61 9.60
CA ASN B 103 -31.38 -9.27 10.00
C ASN B 103 -32.87 -9.05 9.88
N GLY B 104 -33.64 -10.06 9.48
CA GLY B 104 -35.07 -9.92 9.42
C GLY B 104 -35.52 -8.98 8.30
N MET B 105 -36.67 -8.34 8.55
CA MET B 105 -37.29 -7.46 7.56
C MET B 105 -36.65 -6.10 7.47
N ASN B 106 -35.66 -5.79 8.31
CA ASN B 106 -35.04 -4.48 8.28
C ASN B 106 -34.24 -4.24 7.00
N ALA B 107 -33.88 -5.31 6.27
CA ALA B 107 -33.09 -5.15 5.06
C ALA B 107 -33.80 -4.29 4.03
N TRP B 108 -35.11 -4.50 3.86
CA TRP B 108 -35.87 -3.72 2.91
C TRP B 108 -36.13 -2.32 3.45
N VAL B 109 -35.87 -1.31 2.62
CA VAL B 109 -35.96 0.08 3.06
C VAL B 109 -37.41 0.46 3.35
N ALA B 110 -38.35 0.02 2.51
CA ALA B 110 -39.74 0.37 2.73
C ALA B 110 -40.23 -0.13 4.07
N TRP B 111 -39.87 -1.35 4.44
CA TRP B 111 -40.36 -1.93 5.68
C TRP B 111 -39.90 -1.12 6.88
N ARG B 112 -38.62 -0.76 6.92
CA ARG B 112 -38.11 0.05 8.01
C ARG B 112 -38.75 1.44 8.02
N ASN B 113 -38.94 2.03 6.83
CA ASN B 113 -39.45 3.38 6.76
C ASN B 113 -40.89 3.47 7.27
N ARG B 114 -41.76 2.57 6.80
CA ARG B 114 -43.18 2.67 7.10
C ARG B 114 -43.74 1.47 7.85
N CYS B 115 -43.22 0.27 7.63
CA CYS B 115 -43.84 -0.95 8.11
C CYS B 115 -43.34 -1.35 9.50
N LYS B 116 -42.34 -0.64 10.03
CA LYS B 116 -41.66 -1.02 11.25
C LYS B 116 -42.24 -0.24 12.43
N GLY B 117 -42.63 -0.97 13.47
CA GLY B 117 -43.21 -0.32 14.63
C GLY B 117 -44.46 0.46 14.30
N THR B 118 -45.33 -0.11 13.47
CA THR B 118 -46.57 0.55 13.06
C THR B 118 -47.70 -0.46 13.09
N ASP B 119 -48.92 0.04 12.94
CA ASP B 119 -50.12 -0.81 12.95
C ASP B 119 -50.23 -1.52 11.60
N VAL B 120 -49.30 -2.45 11.39
CA VAL B 120 -49.28 -3.23 10.15
C VAL B 120 -50.54 -4.07 10.02
N GLN B 121 -51.15 -4.45 11.15
CA GLN B 121 -52.37 -5.24 11.11
C GLN B 121 -53.49 -4.50 10.39
N ALA B 122 -53.45 -3.18 10.35
CA ALA B 122 -54.49 -2.42 9.67
C ALA B 122 -54.52 -2.72 8.18
N TRP B 123 -53.37 -3.02 7.59
CA TRP B 123 -53.33 -3.33 6.16
C TRP B 123 -54.17 -4.56 5.83
N ILE B 124 -54.07 -5.59 6.66
CA ILE B 124 -54.80 -6.84 6.42
C ILE B 124 -56.17 -6.87 7.06
N ARG B 125 -56.51 -5.87 7.88
CA ARG B 125 -57.80 -5.88 8.56
C ARG B 125 -58.95 -5.82 7.54
N GLY B 126 -59.96 -6.64 7.76
CA GLY B 126 -61.14 -6.63 6.93
C GLY B 126 -61.01 -7.39 5.62
N CYS B 127 -59.99 -8.23 5.48
CA CYS B 127 -59.79 -9.00 4.26
C CYS B 127 -60.45 -10.38 4.29
N ARG B 128 -61.09 -10.75 5.40
CA ARG B 128 -61.79 -12.02 5.52
C ARG B 128 -60.89 -13.19 5.11
N LEU B 129 -59.78 -13.32 5.82
CA LEU B 129 -58.83 -14.40 5.56
C LEU B 129 -58.88 -15.44 6.68
N ASP C 2 22.28 -9.63 -5.09
CA ASP C 2 21.10 -10.20 -4.37
C ASP C 2 21.18 -9.87 -2.88
N VAL C 3 20.55 -8.76 -2.49
CA VAL C 3 20.54 -8.31 -1.11
C VAL C 3 19.09 -8.10 -0.68
N GLN C 4 18.72 -8.69 0.45
CA GLN C 4 17.39 -8.57 1.01
C GLN C 4 17.45 -7.70 2.25
N LEU C 5 16.56 -6.70 2.32
CA LEU C 5 16.61 -5.66 3.33
C LEU C 5 15.50 -5.89 4.35
N VAL C 6 15.86 -5.92 5.63
CA VAL C 6 14.91 -6.10 6.72
C VAL C 6 15.05 -4.93 7.68
N GLU C 7 13.93 -4.28 7.97
CA GLU C 7 13.90 -3.15 8.88
C GLU C 7 13.59 -3.60 10.30
N ASN C 8 14.17 -2.88 11.27
CA ASN C 8 13.97 -3.16 12.68
C ASN C 8 13.62 -1.85 13.38
N GLY C 9 13.11 -1.97 14.60
CA GLY C 9 12.74 -0.80 15.37
C GLY C 9 11.47 -0.13 14.87
N GLY C 10 11.33 1.14 15.25
CA GLY C 10 10.15 1.91 14.91
C GLY C 10 9.23 2.11 16.09
N GLY C 11 7.93 2.12 15.84
CA GLY C 11 6.98 2.10 16.91
C GLY C 11 6.59 3.48 17.41
N CYS C 12 6.38 3.54 18.72
CA CYS C 12 5.84 4.71 19.41
C CYS C 12 6.97 5.55 19.99
N VAL C 13 7.02 6.83 19.63
CA VAL C 13 7.86 7.82 20.31
C VAL C 13 7.18 9.17 20.22
N LYS C 14 7.00 9.81 21.37
CA LYS C 14 6.39 11.15 21.42
C LYS C 14 7.36 12.19 20.85
N ALA C 15 6.82 13.36 20.55
CA ALA C 15 7.63 14.46 20.02
C ALA C 15 8.78 14.78 20.97
N GLY C 16 9.98 14.91 20.42
CA GLY C 16 11.18 15.18 21.17
C GLY C 16 11.90 13.94 21.66
N GLY C 17 11.29 12.77 21.51
CA GLY C 17 11.93 11.55 21.94
C GLY C 17 12.99 11.07 20.96
N SER C 18 13.79 10.10 21.43
CA SER C 18 14.86 9.52 20.65
C SER C 18 14.48 8.09 20.27
N LEU C 19 14.52 7.80 18.97
CA LEU C 19 14.19 6.47 18.46
C LEU C 19 15.24 6.07 17.43
N ARG C 20 15.60 4.79 17.45
CA ARG C 20 16.60 4.24 16.54
C ARG C 20 15.93 3.24 15.60
N LEU C 21 16.12 3.44 14.30
CA LEU C 21 15.68 2.47 13.30
C LEU C 21 16.88 1.67 12.84
N SER C 22 16.75 0.35 12.83
CA SER C 22 17.83 -0.55 12.47
C SER C 22 17.49 -1.26 11.17
N CYS C 23 18.49 -1.37 10.29
CA CYS C 23 18.33 -2.03 9.01
C CYS C 23 19.51 -2.98 8.78
N ALA C 24 19.24 -4.10 8.12
CA ALA C 24 20.24 -5.14 7.93
C ALA C 24 20.19 -5.62 6.49
N ALA C 25 21.31 -6.20 6.04
CA ALA C 25 21.44 -6.74 4.70
C ALA C 25 21.87 -8.20 4.78
N SER C 26 21.40 -8.98 3.80
CA SER C 26 21.69 -10.40 3.73
C SER C 26 22.10 -10.76 2.30
N GLY C 27 22.36 -12.04 2.08
CA GLY C 27 22.77 -12.49 0.75
C GLY C 27 24.12 -11.91 0.37
N SER C 28 24.21 -11.47 -0.89
CA SER C 28 25.46 -10.90 -1.43
C SER C 28 25.59 -9.44 -0.97
N THR C 29 25.92 -9.29 0.31
CA THR C 29 26.06 -7.97 0.89
C THR C 29 27.29 -7.21 0.40
N ASP C 30 28.21 -7.89 -0.28
CA ASP C 30 29.42 -7.22 -0.75
C ASP C 30 29.09 -6.15 -1.79
N SER C 31 28.12 -6.42 -2.66
CA SER C 31 27.78 -5.49 -3.74
C SER C 31 27.10 -4.23 -3.24
N ILE C 32 26.73 -4.16 -1.95
CA ILE C 32 26.02 -2.99 -1.44
C ILE C 32 26.88 -1.74 -1.62
N GLU C 33 26.24 -0.67 -2.09
CA GLU C 33 26.90 0.62 -2.28
C GLU C 33 26.28 1.71 -1.43
N TYR C 34 24.97 1.90 -1.51
CA TYR C 34 24.27 2.93 -0.78
C TYR C 34 23.21 2.33 0.13
N MET C 35 22.92 3.03 1.22
CA MET C 35 21.81 2.68 2.11
C MET C 35 21.05 3.96 2.43
N THR C 36 19.75 3.97 2.18
CA THR C 36 18.94 5.16 2.35
C THR C 36 17.60 4.78 2.98
N TRP C 37 17.01 5.73 3.68
CA TRP C 37 15.70 5.57 4.30
C TRP C 37 14.69 6.45 3.57
N PHE C 38 13.60 5.84 3.12
CA PHE C 38 12.54 6.54 2.41
C PHE C 38 11.25 6.48 3.23
N ARG C 39 10.64 7.64 3.45
CA ARG C 39 9.43 7.75 4.25
C ARG C 39 8.22 7.78 3.31
N GLN C 40 7.30 6.83 3.49
CA GLN C 40 6.05 6.78 2.72
C GLN C 40 4.94 7.33 3.60
N ALA C 41 4.92 8.65 3.74
CA ALA C 41 3.90 9.30 4.54
C ALA C 41 2.53 9.14 3.88
N PRO C 42 1.46 9.05 4.67
CA PRO C 42 0.12 8.92 4.07
C PRO C 42 -0.19 10.09 3.15
N GLY C 43 -0.77 9.79 2.00
CA GLY C 43 -1.11 10.82 1.04
C GLY C 43 0.08 11.47 0.38
N LYS C 44 1.28 10.93 0.56
CA LYS C 44 2.50 11.51 -0.01
C LYS C 44 3.33 10.39 -0.62
N ALA C 45 3.97 10.68 -1.74
CA ALA C 45 4.78 9.68 -2.43
C ALA C 45 6.08 9.43 -1.66
N ARG C 46 6.69 8.28 -1.95
CA ARG C 46 7.93 7.91 -1.28
C ARG C 46 9.04 8.91 -1.62
N GLU C 47 9.82 9.28 -0.61
CA GLU C 47 10.89 10.25 -0.78
C GLU C 47 12.05 9.87 0.13
N GLY C 48 13.27 10.12 -0.35
CA GLY C 48 14.44 9.81 0.45
C GLY C 48 14.54 10.71 1.67
N VAL C 49 15.22 10.21 2.70
CA VAL C 49 15.36 10.89 3.98
C VAL C 49 16.83 11.13 4.31
N ALA C 50 17.63 10.06 4.29
CA ALA C 50 19.04 10.16 4.68
C ALA C 50 19.82 9.10 3.91
N ALA C 51 20.51 9.52 2.85
CA ALA C 51 21.34 8.60 2.08
C ALA C 51 22.68 8.36 2.77
N LEU C 52 23.37 7.33 2.32
CA LEU C 52 24.63 6.94 2.93
C LEU C 52 25.43 6.12 1.94
N TYR C 53 26.75 6.16 2.08
CA TYR C 53 27.66 5.32 1.31
C TYR C 53 28.36 4.36 2.26
N THR C 54 28.32 3.07 1.94
CA THR C 54 28.81 2.07 2.88
C THR C 54 30.31 2.21 3.13
N HIS C 55 31.09 2.49 2.09
CA HIS C 55 32.54 2.49 2.23
C HIS C 55 33.06 3.83 2.74
N THR C 56 32.81 4.91 2.00
CA THR C 56 33.30 6.21 2.42
C THR C 56 32.64 6.66 3.73
N GLY C 57 31.34 6.38 3.87
CA GLY C 57 30.61 6.78 5.04
C GLY C 57 30.00 8.16 4.99
N ASN C 58 30.12 8.86 3.85
CA ASN C 58 29.51 10.18 3.73
C ASN C 58 28.00 10.08 3.87
N THR C 59 27.42 11.04 4.59
CA THR C 59 25.99 11.07 4.86
C THR C 59 25.36 12.26 4.15
N TYR C 60 24.22 12.02 3.50
CA TYR C 60 23.47 13.05 2.82
C TYR C 60 22.04 13.05 3.35
N TYR C 61 21.54 14.23 3.71
CA TYR C 61 20.25 14.36 4.39
C TYR C 61 19.35 15.32 3.62
N THR C 62 18.06 15.06 3.70
CA THR C 62 17.06 15.96 3.14
C THR C 62 16.92 17.20 4.02
N ASP C 63 16.51 18.31 3.40
CA ASP C 63 16.43 19.56 4.13
C ASP C 63 15.54 19.45 5.36
N SER C 64 14.45 18.68 5.26
CA SER C 64 13.54 18.55 6.39
C SER C 64 14.22 17.92 7.60
N VAL C 65 15.03 16.90 7.37
CA VAL C 65 15.66 16.15 8.46
C VAL C 65 17.09 16.60 8.69
N LYS C 66 17.47 17.77 8.18
CA LYS C 66 18.83 18.28 8.37
C LYS C 66 19.05 18.66 9.83
N GLY C 67 20.13 18.15 10.42
CA GLY C 67 20.48 18.47 11.79
C GLY C 67 19.71 17.71 12.84
N ARG C 68 18.82 16.79 12.45
CA ARG C 68 18.00 16.02 13.38
C ARG C 68 18.31 14.54 13.35
N PHE C 69 18.32 13.93 12.17
CA PHE C 69 18.54 12.50 12.05
C PHE C 69 20.01 12.21 11.77
N THR C 70 20.48 11.09 12.33
CA THR C 70 21.85 10.64 12.14
C THR C 70 21.84 9.20 11.63
N ILE C 71 22.57 8.94 10.56
CA ILE C 71 22.63 7.62 9.93
C ILE C 71 24.07 7.16 9.90
N SER C 72 24.31 5.93 10.35
CA SER C 72 25.64 5.33 10.30
C SER C 72 25.47 3.84 10.02
N GLN C 73 26.59 3.15 9.79
CA GLN C 73 26.55 1.74 9.45
C GLN C 73 27.81 1.07 9.94
N ASP C 74 27.79 -0.27 9.92
CA ASP C 74 28.93 -1.09 10.30
C ASP C 74 29.27 -2.00 9.12
N LYS C 75 30.55 -2.04 8.77
CA LYS C 75 30.98 -2.84 7.63
C LYS C 75 31.01 -4.32 7.94
N ALA C 76 31.34 -4.69 9.18
CA ALA C 76 31.40 -6.10 9.55
C ALA C 76 30.02 -6.72 9.71
N LYS C 77 28.99 -5.91 9.96
CA LYS C 77 27.64 -6.42 10.16
C LYS C 77 26.71 -6.12 9.00
N ASN C 78 27.07 -5.21 8.10
CA ASN C 78 26.23 -4.87 6.95
C ASN C 78 24.88 -4.33 7.38
N MET C 79 24.89 -3.47 8.41
CA MET C 79 23.68 -2.85 8.93
C MET C 79 23.88 -1.36 9.05
N ALA C 80 22.80 -0.61 8.82
CA ALA C 80 22.80 0.84 8.95
C ALA C 80 21.56 1.25 9.73
N TYR C 81 21.74 2.10 10.73
CA TYR C 81 20.65 2.55 11.59
C TYR C 81 20.52 4.07 11.53
N LEU C 82 19.28 4.54 11.66
CA LEU C 82 18.95 5.96 11.56
C LEU C 82 18.42 6.45 12.90
N ARG C 83 19.27 7.11 13.67
CA ARG C 83 18.83 7.75 14.90
C ARG C 83 18.01 9.00 14.57
N MET C 84 16.94 9.21 15.32
CA MET C 84 16.04 10.34 15.11
C MET C 84 15.83 11.08 16.41
N ASP C 85 15.70 12.40 16.32
CA ASP C 85 15.48 13.24 17.48
C ASP C 85 14.65 14.45 17.08
N SER C 86 14.00 15.06 18.07
CA SER C 86 13.15 16.22 17.84
C SER C 86 12.08 15.92 16.79
N VAL C 87 11.49 14.74 16.88
CA VAL C 87 10.47 14.33 15.90
C VAL C 87 9.24 15.21 16.06
N LYS C 88 8.51 15.40 14.96
CA LYS C 88 7.32 16.24 14.94
C LYS C 88 6.18 15.46 14.28
N SER C 89 5.03 16.13 14.15
CA SER C 89 3.86 15.47 13.60
C SER C 89 4.09 15.01 12.17
N GLU C 90 4.76 15.83 11.36
CA GLU C 90 4.97 15.49 9.96
C GLU C 90 5.82 14.23 9.79
N ASP C 91 6.57 13.82 10.82
CA ASP C 91 7.45 12.67 10.72
C ASP C 91 6.69 11.35 10.61
N THR C 92 5.38 11.35 10.86
CA THR C 92 4.62 10.11 10.80
C THR C 92 4.61 9.57 9.37
N ALA C 93 5.13 8.35 9.21
CA ALA C 93 5.20 7.71 7.90
C ALA C 93 5.73 6.29 8.02
N ILE C 94 5.83 5.58 6.90
CA ILE C 94 6.43 4.25 6.84
C ILE C 94 7.81 4.40 6.22
N TYR C 95 8.84 4.02 6.96
CA TYR C 95 10.21 4.17 6.52
C TYR C 95 10.70 2.89 5.87
N THR C 96 11.28 3.01 4.68
CA THR C 96 11.81 1.88 3.94
C THR C 96 13.31 2.06 3.76
N CYS C 97 14.07 1.05 4.16
CA CYS C 97 15.53 1.08 4.08
C CYS C 97 15.95 0.57 2.71
N GLY C 98 16.00 1.48 1.75
CA GLY C 98 16.39 1.10 0.41
C GLY C 98 17.87 0.77 0.30
N ALA C 99 18.21 0.12 -0.82
CA ALA C 99 19.59 -0.30 -1.05
C ALA C 99 19.82 -0.43 -2.55
N THR C 100 21.09 -0.35 -2.94
CA THR C 100 21.47 -0.43 -4.35
C THR C 100 22.76 -1.24 -4.46
N ARG C 101 22.96 -1.84 -5.63
CA ARG C 101 24.14 -2.63 -5.92
C ARG C 101 25.10 -1.91 -6.88
N LYS C 102 24.81 -0.66 -7.23
CA LYS C 102 25.63 0.10 -8.16
C LYS C 102 25.91 1.46 -7.56
N ALA C 103 27.03 2.05 -7.99
CA ALA C 103 27.49 3.33 -7.45
C ALA C 103 26.62 4.45 -8.02
N VAL C 104 25.61 4.85 -7.25
CA VAL C 104 24.69 5.92 -7.66
C VAL C 104 25.38 7.26 -7.43
N PRO C 105 25.12 8.28 -8.27
CA PRO C 105 25.67 9.61 -8.00
C PRO C 105 25.05 10.23 -6.75
N VAL C 106 25.81 11.16 -6.17
CA VAL C 106 25.39 11.77 -4.90
C VAL C 106 24.06 12.49 -5.07
N ARG C 107 23.89 13.26 -6.15
CA ARG C 107 22.64 13.97 -6.36
C ARG C 107 21.47 13.00 -6.53
N PHE C 108 21.73 11.77 -6.98
CA PHE C 108 20.70 10.75 -7.11
C PHE C 108 20.68 9.79 -5.94
N ALA C 109 21.41 10.09 -4.86
CA ALA C 109 21.44 9.20 -3.70
C ALA C 109 20.08 9.11 -3.03
N LEU C 110 19.26 10.16 -3.13
CA LEU C 110 17.93 10.16 -2.55
C LEU C 110 16.85 9.72 -3.53
N ASP C 111 17.22 9.33 -4.74
CA ASP C 111 16.24 8.93 -5.76
C ASP C 111 15.82 7.49 -5.50
N GLN C 112 14.50 7.28 -5.34
CA GLN C 112 13.99 5.93 -5.12
C GLN C 112 14.23 5.05 -6.33
N SER C 113 14.04 5.60 -7.53
CA SER C 113 14.16 4.79 -8.75
C SER C 113 15.56 4.22 -8.91
N SER C 114 16.58 4.96 -8.49
CA SER C 114 17.95 4.50 -8.69
C SER C 114 18.22 3.20 -7.94
N TYR C 115 17.72 3.09 -6.71
CA TYR C 115 18.03 1.94 -5.88
C TYR C 115 17.41 0.67 -6.44
N ASP C 116 18.13 -0.45 -6.29
CA ASP C 116 17.72 -1.73 -6.84
C ASP C 116 17.24 -2.71 -5.79
N TYR C 117 17.15 -2.31 -4.52
CA TYR C 117 16.66 -3.18 -3.46
C TYR C 117 15.83 -2.37 -2.48
N TRP C 118 14.95 -3.06 -1.77
CA TRP C 118 14.11 -2.44 -0.76
C TRP C 118 13.75 -3.49 0.28
N GLY C 119 13.34 -3.01 1.46
CA GLY C 119 12.91 -3.86 2.55
C GLY C 119 11.47 -3.58 2.96
N GLN C 120 10.99 -4.41 3.88
CA GLN C 120 9.63 -4.26 4.36
C GLN C 120 9.48 -2.95 5.12
N GLY C 121 8.38 -2.24 4.87
CA GLY C 121 8.15 -0.96 5.49
C GLY C 121 8.00 -1.04 7.00
N THR C 122 8.76 -0.22 7.72
CA THR C 122 8.65 -0.12 9.17
C THR C 122 8.06 1.25 9.50
N GLN C 123 6.99 1.25 10.29
CA GLN C 123 6.26 2.47 10.58
C GLN C 123 6.97 3.32 11.64
N VAL C 124 6.77 4.62 11.54
CA VAL C 124 7.21 5.59 12.54
C VAL C 124 6.06 6.53 12.82
N MET C 125 5.65 6.62 14.08
CA MET C 125 4.54 7.48 14.47
C MET C 125 4.93 8.31 15.69
N VAL C 126 4.28 9.46 15.82
CA VAL C 126 4.58 10.43 16.87
C VAL C 126 3.30 10.76 17.61
N SER C 127 3.37 10.77 18.94
CA SER C 127 2.22 11.10 19.77
C SER C 127 1.97 12.61 19.77
N VAL D 2 45.85 -3.96 -27.07
CA VAL D 2 45.98 -3.82 -25.62
C VAL D 2 47.05 -2.78 -25.30
N PHE D 3 46.66 -1.77 -24.53
CA PHE D 3 47.59 -0.71 -24.15
C PHE D 3 48.69 -1.24 -23.24
N GLY D 4 49.87 -0.66 -23.38
CA GLY D 4 50.97 -1.00 -22.49
C GLY D 4 50.79 -0.34 -21.14
N ARG D 5 51.22 -1.05 -20.09
CA ARG D 5 51.03 -0.55 -18.72
C ARG D 5 51.77 0.76 -18.51
N CYS D 6 53.07 0.79 -18.80
CA CYS D 6 53.84 2.02 -18.65
C CYS D 6 53.37 3.07 -19.65
N GLU D 7 53.07 2.65 -20.88
CA GLU D 7 52.56 3.59 -21.87
C GLU D 7 51.20 4.13 -21.46
N LEU D 8 50.34 3.28 -20.88
CA LEU D 8 49.06 3.76 -20.38
C LEU D 8 49.25 4.79 -19.26
N ALA D 9 50.18 4.51 -18.35
CA ALA D 9 50.47 5.46 -17.28
C ALA D 9 50.96 6.79 -17.84
N ALA D 10 51.85 6.73 -18.84
CA ALA D 10 52.36 7.94 -19.45
C ALA D 10 51.24 8.73 -20.13
N ALA D 11 50.35 8.03 -20.83
CA ALA D 11 49.23 8.71 -21.48
C ALA D 11 48.32 9.38 -20.47
N MET D 12 48.03 8.69 -19.36
CA MET D 12 47.20 9.27 -18.32
C MET D 12 47.87 10.49 -17.71
N LYS D 13 49.19 10.42 -17.50
CA LYS D 13 49.91 11.57 -16.97
C LYS D 13 49.84 12.75 -17.93
N ARG D 14 50.00 12.49 -19.23
CA ARG D 14 49.90 13.56 -20.22
C ARG D 14 48.51 14.18 -20.23
N HIS D 15 47.47 13.35 -20.09
CA HIS D 15 46.10 13.85 -20.17
C HIS D 15 45.78 14.82 -19.03
N GLY D 16 46.59 14.83 -17.97
CA GLY D 16 46.34 15.67 -16.82
C GLY D 16 45.70 14.96 -15.64
N LEU D 17 45.45 13.65 -15.76
CA LEU D 17 44.87 12.89 -14.67
C LEU D 17 45.83 12.71 -13.49
N ASP D 18 47.10 13.06 -13.66
CA ASP D 18 48.07 12.89 -12.58
C ASP D 18 47.66 13.70 -11.37
N ASN D 19 47.77 13.09 -10.19
CA ASN D 19 47.47 13.76 -8.92
C ASN D 19 46.08 14.38 -8.94
N TYR D 20 45.11 13.63 -9.45
CA TYR D 20 43.72 14.07 -9.50
C TYR D 20 42.98 13.48 -8.31
N ARG D 21 42.27 14.33 -7.57
CA ARG D 21 41.55 13.92 -6.37
C ARG D 21 42.49 13.26 -5.37
N GLY D 22 43.72 13.75 -5.31
CA GLY D 22 44.70 13.20 -4.38
C GLY D 22 44.97 11.73 -4.60
N TYR D 23 45.08 11.29 -5.84
CA TYR D 23 45.35 9.91 -6.18
C TYR D 23 46.57 9.84 -7.10
N SER D 24 47.50 8.96 -6.76
CA SER D 24 48.70 8.79 -7.57
C SER D 24 48.36 8.04 -8.86
N LEU D 25 49.29 8.10 -9.81
CA LEU D 25 49.09 7.42 -11.09
C LEU D 25 48.93 5.92 -10.91
N GLY D 26 49.55 5.36 -9.86
CA GLY D 26 49.42 3.94 -9.62
C GLY D 26 47.98 3.52 -9.40
N ASN D 27 47.20 4.35 -8.71
CA ASN D 27 45.79 4.04 -8.50
C ASN D 27 45.06 3.91 -9.83
N TRP D 28 45.26 4.88 -10.73
CA TRP D 28 44.59 4.83 -12.02
C TRP D 28 45.05 3.62 -12.84
N VAL D 29 46.35 3.34 -12.82
CA VAL D 29 46.86 2.20 -13.58
C VAL D 29 46.25 0.90 -13.08
N CYS D 30 46.23 0.72 -11.75
CA CYS D 30 45.66 -0.49 -11.18
C CYS D 30 44.18 -0.60 -11.49
N ALA D 31 43.44 0.52 -11.40
CA ALA D 31 42.02 0.50 -11.69
C ALA D 31 41.77 0.08 -13.13
N ALA D 32 42.52 0.65 -14.07
CA ALA D 32 42.35 0.28 -15.47
C ALA D 32 42.69 -1.19 -15.69
N LYS D 33 43.79 -1.65 -15.08
CA LYS D 33 44.21 -3.04 -15.27
C LYS D 33 43.15 -4.01 -14.77
N PHE D 34 42.57 -3.75 -13.61
CA PHE D 34 41.57 -4.65 -13.06
C PHE D 34 40.17 -4.39 -13.61
N GLU D 35 39.97 -3.30 -14.36
CA GLU D 35 38.67 -3.03 -14.97
C GLU D 35 38.56 -3.62 -16.36
N SER D 36 39.55 -3.36 -17.22
CA SER D 36 39.46 -3.82 -18.61
C SER D 36 40.75 -4.48 -19.10
N ASN D 37 41.69 -4.79 -18.22
CA ASN D 37 42.93 -5.47 -18.61
C ASN D 37 43.63 -4.72 -19.73
N PHE D 38 43.68 -3.39 -19.60
CA PHE D 38 44.35 -2.54 -20.59
C PHE D 38 43.70 -2.68 -21.97
N ASN D 39 42.37 -2.67 -22.01
CA ASN D 39 41.63 -2.79 -23.26
C ASN D 39 40.50 -1.78 -23.26
N THR D 40 40.53 -0.84 -24.20
CA THR D 40 39.46 0.14 -24.34
C THR D 40 38.26 -0.42 -25.10
N GLN D 41 38.43 -1.52 -25.81
CA GLN D 41 37.37 -2.11 -26.61
C GLN D 41 36.53 -3.12 -25.83
N ALA D 42 36.85 -3.34 -24.55
CA ALA D 42 36.10 -4.30 -23.75
C ALA D 42 34.80 -3.69 -23.24
N THR D 43 33.71 -4.44 -23.36
CA THR D 43 32.42 -4.03 -22.86
C THR D 43 31.77 -5.18 -22.11
N ASN D 44 31.04 -4.86 -21.05
CA ASN D 44 30.39 -5.86 -20.21
C ASN D 44 28.96 -5.44 -19.95
N ARG D 45 28.04 -6.41 -20.03
CA ARG D 45 26.64 -6.16 -19.78
C ARG D 45 26.35 -6.12 -18.28
N ASN D 46 25.12 -5.72 -17.94
CA ASN D 46 24.67 -5.68 -16.55
C ASN D 46 23.25 -6.22 -16.48
N THR D 47 22.86 -6.65 -15.29
CA THR D 47 21.51 -7.18 -15.10
C THR D 47 20.45 -6.13 -15.43
N ASP D 48 20.69 -4.89 -15.01
CA ASP D 48 19.76 -3.80 -15.30
C ASP D 48 19.71 -3.46 -16.78
N GLY D 49 20.64 -3.96 -17.58
CA GLY D 49 20.70 -3.68 -18.99
C GLY D 49 21.76 -2.70 -19.42
N SER D 50 22.38 -2.01 -18.46
CA SER D 50 23.45 -1.08 -18.78
C SER D 50 24.72 -1.83 -19.18
N THR D 51 25.55 -1.18 -19.98
CA THR D 51 26.78 -1.77 -20.48
C THR D 51 27.95 -0.87 -20.15
N ASP D 52 29.01 -1.45 -19.59
CA ASP D 52 30.24 -0.71 -19.31
C ASP D 52 31.00 -0.46 -20.60
N TYR D 53 31.67 0.69 -20.65
CA TYR D 53 32.41 1.10 -21.84
C TYR D 53 33.74 1.71 -21.43
N GLY D 54 34.71 1.64 -22.33
CA GLY D 54 36.00 2.25 -22.14
C GLY D 54 36.98 1.35 -21.40
N ILE D 55 38.23 1.83 -21.34
CA ILE D 55 39.27 1.08 -20.64
C ILE D 55 38.98 1.02 -19.15
N LEU D 56 38.39 2.06 -18.58
CA LEU D 56 38.05 2.10 -17.17
C LEU D 56 36.66 1.55 -16.89
N GLN D 57 35.98 1.01 -17.89
CA GLN D 57 34.67 0.38 -17.72
C GLN D 57 33.66 1.39 -17.15
N ILE D 58 33.40 2.43 -17.93
CA ILE D 58 32.45 3.47 -17.55
C ILE D 58 31.04 2.96 -17.84
N ASN D 59 30.18 3.01 -16.83
CA ASN D 59 28.82 2.50 -16.96
C ASN D 59 27.94 3.50 -17.71
N SER D 60 27.12 2.97 -18.63
CA SER D 60 26.31 3.84 -19.49
C SER D 60 25.10 4.41 -18.78
N ARG D 61 24.57 3.71 -17.76
CA ARG D 61 23.32 4.15 -17.15
C ARG D 61 23.44 5.56 -16.58
N TRP D 62 24.60 5.93 -16.04
CA TRP D 62 24.80 7.23 -15.43
C TRP D 62 25.81 8.11 -16.13
N TRP D 63 26.66 7.57 -17.00
CA TRP D 63 27.80 8.30 -17.55
C TRP D 63 27.67 8.58 -19.03
N CYS D 64 27.50 7.55 -19.87
CA CYS D 64 27.47 7.72 -21.31
C CYS D 64 26.13 7.24 -21.87
N ASN D 65 25.65 7.92 -22.90
CA ASN D 65 24.33 7.67 -23.48
C ASN D 65 24.49 6.75 -24.69
N ASP D 66 24.38 5.44 -24.47
CA ASP D 66 24.35 4.50 -25.56
C ASP D 66 22.99 4.42 -26.24
N GLY D 67 21.93 4.90 -25.57
CA GLY D 67 20.59 4.84 -26.12
C GLY D 67 19.90 3.50 -25.99
N ARG D 68 20.55 2.51 -25.38
CA ARG D 68 20.00 1.17 -25.23
C ARG D 68 19.80 0.78 -23.78
N THR D 69 19.91 1.72 -22.85
CA THR D 69 19.78 1.42 -21.42
C THR D 69 18.70 2.30 -20.82
N PRO D 70 17.82 1.76 -19.98
CA PRO D 70 16.77 2.59 -19.36
C PRO D 70 17.36 3.59 -18.39
N GLY D 71 16.70 4.74 -18.29
CA GLY D 71 17.10 5.77 -17.35
C GLY D 71 18.53 6.23 -17.55
N SER D 72 18.92 6.46 -18.81
CA SER D 72 20.27 6.91 -19.12
C SER D 72 20.43 8.36 -18.69
N ARG D 73 21.09 8.58 -17.56
CA ARG D 73 21.29 9.93 -17.04
C ARG D 73 22.49 10.62 -17.67
N ASN D 74 23.32 9.90 -18.42
CA ASN D 74 24.39 10.45 -19.24
C ASN D 74 25.05 11.66 -18.59
N LEU D 75 25.51 11.45 -17.36
CA LEU D 75 26.08 12.56 -16.59
C LEU D 75 27.35 13.09 -17.25
N CYS D 76 28.21 12.20 -17.76
CA CYS D 76 29.36 12.64 -18.55
C CYS D 76 28.95 13.20 -19.91
N ASN D 77 27.69 13.02 -20.31
CA ASN D 77 27.14 13.52 -21.57
C ASN D 77 28.07 13.26 -22.75
N ILE D 78 28.84 12.18 -22.68
CA ILE D 78 29.75 11.79 -23.75
C ILE D 78 29.24 10.47 -24.35
N PRO D 79 29.16 10.36 -25.68
CA PRO D 79 28.65 9.11 -26.26
C PRO D 79 29.50 7.92 -25.86
N CYS D 80 28.84 6.78 -25.65
CA CYS D 80 29.57 5.57 -25.27
C CYS D 80 30.56 5.15 -26.34
N SER D 81 30.29 5.52 -27.61
CA SER D 81 31.22 5.21 -28.68
C SER D 81 32.56 5.91 -28.46
N ALA D 82 32.53 7.15 -27.99
CA ALA D 82 33.76 7.88 -27.74
C ALA D 82 34.63 7.14 -26.72
N LEU D 83 34.01 6.65 -25.64
CA LEU D 83 34.74 5.82 -24.68
C LEU D 83 35.23 4.54 -25.35
N LEU D 84 34.41 3.94 -26.21
CA LEU D 84 34.81 2.74 -26.93
C LEU D 84 35.89 3.01 -27.97
N SER D 85 36.18 4.27 -28.27
CA SER D 85 37.18 4.61 -29.27
C SER D 85 38.53 4.00 -28.91
N SER D 86 39.42 3.95 -29.90
CA SER D 86 40.75 3.36 -29.72
C SER D 86 41.65 4.21 -28.83
N ASP D 87 41.25 5.44 -28.50
CA ASP D 87 42.02 6.31 -27.62
C ASP D 87 41.39 6.34 -26.24
N ILE D 88 42.21 6.73 -25.25
CA ILE D 88 41.78 6.76 -23.85
C ILE D 88 41.38 8.16 -23.41
N THR D 89 41.25 9.11 -24.36
CA THR D 89 40.91 10.48 -23.98
C THR D 89 39.53 10.54 -23.33
N ALA D 90 38.52 9.95 -23.98
CA ALA D 90 37.17 9.98 -23.44
C ALA D 90 37.08 9.25 -22.11
N SER D 91 37.77 8.10 -22.01
CA SER D 91 37.72 7.33 -20.76
C SER D 91 38.23 8.16 -19.60
N VAL D 92 39.40 8.80 -19.77
CA VAL D 92 39.96 9.61 -18.69
C VAL D 92 39.09 10.84 -18.44
N ASN D 93 38.53 11.43 -19.50
CA ASN D 93 37.70 12.60 -19.33
C ASN D 93 36.48 12.30 -18.47
N CYS D 94 35.81 11.17 -18.72
CA CYS D 94 34.66 10.80 -17.90
C CYS D 94 35.09 10.30 -16.53
N ALA D 95 36.25 9.66 -16.43
CA ALA D 95 36.74 9.19 -15.13
C ALA D 95 37.03 10.37 -14.20
N LYS D 96 37.47 11.49 -14.76
CA LYS D 96 37.69 12.68 -13.93
C LYS D 96 36.39 13.12 -13.27
N LYS D 97 35.30 13.14 -14.04
CA LYS D 97 34.01 13.49 -13.45
C LYS D 97 33.55 12.43 -12.46
N ILE D 98 33.78 11.15 -12.77
CA ILE D 98 33.35 10.08 -11.87
C ILE D 98 34.04 10.21 -10.52
N VAL D 99 35.35 10.41 -10.53
CA VAL D 99 36.09 10.54 -9.28
C VAL D 99 35.76 11.86 -8.59
N SER D 100 35.47 12.91 -9.36
CA SER D 100 35.11 14.20 -8.78
C SER D 100 33.71 14.21 -8.19
N ASP D 101 32.93 13.13 -8.37
CA ASP D 101 31.56 13.11 -7.87
C ASP D 101 31.51 13.41 -6.38
N GLY D 102 32.51 12.98 -5.62
CA GLY D 102 32.56 13.25 -4.19
C GLY D 102 33.03 12.06 -3.39
N ASN D 103 32.79 10.86 -3.89
CA ASN D 103 33.21 9.63 -3.22
C ASN D 103 34.57 9.13 -3.70
N GLY D 104 35.23 9.87 -4.58
CA GLY D 104 36.54 9.46 -5.04
C GLY D 104 36.47 8.23 -5.94
N MET D 105 37.59 7.51 -5.97
CA MET D 105 37.70 6.30 -6.79
C MET D 105 36.95 5.12 -6.20
N ASN D 106 36.23 5.31 -5.09
CA ASN D 106 35.47 4.20 -4.51
C ASN D 106 34.34 3.74 -5.42
N ALA D 107 33.95 4.56 -6.40
CA ALA D 107 32.86 4.17 -7.29
C ALA D 107 33.22 2.94 -8.09
N TRP D 108 34.46 2.85 -8.58
CA TRP D 108 34.88 1.73 -9.41
C TRP D 108 35.12 0.50 -8.52
N VAL D 109 34.42 -0.59 -8.84
CA VAL D 109 34.48 -1.78 -7.99
C VAL D 109 35.89 -2.35 -7.94
N ALA D 110 36.56 -2.40 -9.10
CA ALA D 110 37.90 -2.97 -9.14
C ALA D 110 38.87 -2.18 -8.27
N TRP D 111 38.77 -0.84 -8.30
CA TRP D 111 39.67 -0.02 -7.48
C TRP D 111 39.50 -0.34 -6.01
N ARG D 112 38.25 -0.45 -5.55
CA ARG D 112 38.01 -0.80 -4.16
C ARG D 112 38.52 -2.20 -3.84
N ASN D 113 38.28 -3.16 -4.74
CA ASN D 113 38.66 -4.54 -4.46
C ASN D 113 40.16 -4.71 -4.35
N ARG D 114 40.92 -4.10 -5.27
CA ARG D 114 42.36 -4.35 -5.35
C ARG D 114 43.22 -3.10 -5.21
N CYS D 115 42.76 -1.95 -5.69
CA CYS D 115 43.58 -0.75 -5.71
C CYS D 115 43.37 0.15 -4.49
N LYS D 116 42.57 -0.28 -3.52
CA LYS D 116 42.30 0.49 -2.31
C LYS D 116 43.14 -0.06 -1.16
N GLY D 117 43.89 0.82 -0.51
CA GLY D 117 44.74 0.40 0.58
C GLY D 117 45.78 -0.63 0.15
N THR D 118 46.41 -0.42 -1.00
CA THR D 118 47.36 -1.36 -1.55
C THR D 118 48.53 -0.59 -2.15
N ASP D 119 49.64 -1.30 -2.37
CA ASP D 119 50.83 -0.66 -2.93
C ASP D 119 50.62 -0.38 -4.41
N VAL D 120 49.75 0.58 -4.70
CA VAL D 120 49.46 0.94 -6.10
C VAL D 120 50.70 1.49 -6.78
N GLN D 121 51.61 2.08 -6.00
CA GLN D 121 52.84 2.64 -6.59
C GLN D 121 53.66 1.56 -7.29
N ALA D 122 53.51 0.30 -6.91
CA ALA D 122 54.23 -0.77 -7.58
C ALA D 122 53.85 -0.89 -9.04
N TRP D 123 52.61 -0.56 -9.38
CA TRP D 123 52.16 -0.67 -10.77
C TRP D 123 52.97 0.26 -11.67
N ILE D 124 53.23 1.48 -11.22
CA ILE D 124 53.99 2.45 -12.02
C ILE D 124 55.50 2.35 -11.80
N ARG D 125 55.94 1.56 -10.82
CA ARG D 125 57.37 1.43 -10.54
C ARG D 125 58.08 0.85 -11.75
N GLY D 126 59.23 1.45 -12.10
CA GLY D 126 60.02 0.98 -13.21
C GLY D 126 59.55 1.43 -14.57
N CYS D 127 58.59 2.35 -14.64
CA CYS D 127 58.06 2.84 -15.91
C CYS D 127 58.78 4.10 -16.40
N ARG D 128 59.85 4.51 -15.73
CA ARG D 128 60.66 5.67 -16.12
C ARG D 128 59.78 6.83 -16.60
N LEU D 129 58.88 7.24 -15.71
CA LEU D 129 57.96 8.35 -16.00
C LEU D 129 58.31 9.56 -15.14
C1 GOL E . -28.51 -9.53 5.92
O1 GOL E . -27.34 -8.80 6.07
C2 GOL E . -29.65 -8.51 5.65
O2 GOL E . -30.86 -9.13 5.36
C3 GOL E . -29.13 -7.67 4.46
O3 GOL E . -28.34 -8.50 3.69
H31 GOL E . -29.89 -7.30 3.98
H32 GOL E . -28.65 -6.90 4.80
C1 GOL F . 29.47 9.16 -6.22
O1 GOL F . 28.59 8.64 -5.28
C2 GOL F . 30.30 7.97 -6.75
O2 GOL F . 31.31 8.38 -7.62
C3 GOL F . 29.28 7.06 -7.45
O3 GOL F . 28.42 7.88 -8.16
H31 GOL F . 29.75 6.41 -8.00
H32 GOL F . 28.81 6.53 -6.78
#